data_1AGM
#
_entry.id   1AGM
#
_cell.length_a   116.700
_cell.length_b   103.900
_cell.length_c   48.340
_cell.angle_alpha   90.00
_cell.angle_beta   90.00
_cell.angle_gamma   90.00
#
_symmetry.space_group_name_H-M   'P 21 21 21'
#
loop_
_entity.id
_entity.type
_entity.pdbx_description
1 polymer GLUCOAMYLASE-471
2 branched alpha-D-mannopyranose-(1-2)-alpha-D-mannopyranose-(1-3)-beta-D-mannopyranose-(1-4)-2-acetamido-2-deoxy-beta-D-glucopyranose-(1-4)-2-acetamido-2-deoxy-beta-D-glucopyranose
3 branched alpha-D-mannopyranose-(1-2)-alpha-D-mannopyranose-(1-2)-alpha-D-mannopyranose-(1-3)-[alpha-D-mannopyranose-(1-3)-alpha-D-mannopyranose-(1-6)]beta-D-mannopyranose-(1-4)-2-acetamido-2-deoxy-beta-D-glucopyranose-(1-4)-2-acetamido-2-deoxy-beta-D-glucopyranose
4 branched 4,6-dideoxy-4-{[(1S,4R,5S,6S)-4,5,6-trihydroxy-3-(hydroxymethyl)cyclohex-2-en-1-yl]amino}-alpha-D-glucopyranose-(1-4)-alpha-D-glucopyranose-(1-4)-alpha-D-glucopyranose
5 non-polymer alpha-D-mannopyranose
6 water water
#
_entity_poly.entity_id   1
_entity_poly.type   'polypeptide(L)'
_entity_poly.pdbx_seq_one_letter_code
;ATLDSWLSNEATVARTAILNNIGADGAWVSGADSGIVVASPSTDNPDYFYTWTRDSGLVIKTLVDLFRNGDTDLLSTIEH
YISSQAIIQGVSNPSGDLSSGGLGEPKFNVDETAYTGSWGRPQRDGPALRATAMIGFGQWLLDNGYTSAATEIVWPLVRN
DLSYVAQYWNQTGYDLWEEVNGSSFFTIAVQHRALVEGSAFATAVGSSCSWCDSQAPQILCYLQSFWTGSYILANFDSSR
SGKDTNTLLGSIHTFDPEAGCDDSTFQPCSPRALANHKEVVDSFRSIYTLNDGLSDSEAVAVGRYPEDSYYNGNPWFLCT
LAAAEQLYDALYQWDKQGSLEITDVSLDFFKALYSGAATGTYSSSSSTYSSIVSAVKTFADGFVSIVETHAASNGSLSEQ
FDKSDGDELSARDLTWSYAALLTANNRRNSVVPPSWGETSASSVPGTCAATSASGTYSSVTVTSWPSIVA
;
_entity_poly.pdbx_strand_id   A
#
# COMPACT_ATOMS: atom_id res chain seq x y z
N ALA A 1 0.09 16.65 22.07
CA ALA A 1 -0.91 17.63 22.60
C ALA A 1 -2.16 17.58 21.74
N THR A 2 -2.19 18.36 20.68
CA THR A 2 -3.31 18.38 19.74
C THR A 2 -3.31 17.06 18.95
N LEU A 3 -2.14 16.78 18.37
CA LEU A 3 -1.88 15.64 17.54
C LEU A 3 -2.20 14.28 18.09
N ASP A 4 -1.60 13.87 19.17
CA ASP A 4 -1.79 12.57 19.81
C ASP A 4 -3.28 12.32 20.08
N SER A 5 -3.90 13.36 20.64
CA SER A 5 -5.32 13.23 20.96
C SER A 5 -6.15 13.17 19.69
N TRP A 6 -5.83 14.00 18.70
CA TRP A 6 -6.57 14.01 17.43
C TRP A 6 -6.46 12.61 16.78
N LEU A 7 -5.28 12.01 16.83
CA LEU A 7 -5.06 10.69 16.22
C LEU A 7 -5.89 9.56 16.83
N SER A 8 -6.00 9.63 18.13
CA SER A 8 -6.72 8.73 19.01
C SER A 8 -8.19 8.76 18.60
N ASN A 9 -8.64 9.98 18.40
CA ASN A 9 -10.01 10.23 17.98
C ASN A 9 -10.22 9.81 16.51
N GLU A 10 -9.33 10.23 15.65
CA GLU A 10 -9.43 9.96 14.23
C GLU A 10 -9.37 8.47 13.89
N ALA A 11 -8.58 7.75 14.66
CA ALA A 11 -8.44 6.31 14.48
C ALA A 11 -9.78 5.58 14.66
N THR A 12 -10.57 6.03 15.60
CA THR A 12 -11.89 5.49 15.92
C THR A 12 -12.86 5.80 14.76
N VAL A 13 -12.81 7.04 14.32
CA VAL A 13 -13.61 7.54 13.22
C VAL A 13 -13.27 6.77 11.93
N ALA A 14 -12.01 6.55 11.66
CA ALA A 14 -11.48 5.87 10.48
C ALA A 14 -11.96 4.42 10.47
N ARG A 15 -11.93 3.72 11.58
CA ARG A 15 -12.45 2.34 11.67
C ARG A 15 -13.94 2.26 11.32
N THR A 16 -14.75 3.14 11.90
CA THR A 16 -16.17 3.25 11.69
C THR A 16 -16.47 3.61 10.24
N ALA A 17 -15.87 4.66 9.74
CA ALA A 17 -16.10 5.06 8.34
C ALA A 17 -15.79 3.89 7.39
N ILE A 18 -14.75 3.10 7.62
CA ILE A 18 -14.49 1.99 6.69
C ILE A 18 -15.66 0.99 6.68
N LEU A 19 -16.16 0.60 7.84
CA LEU A 19 -17.27 -0.33 7.98
C LEU A 19 -18.54 0.16 7.30
N ASN A 20 -18.75 1.46 7.32
CA ASN A 20 -19.91 2.08 6.67
C ASN A 20 -19.77 1.95 5.14
N ASN A 21 -18.59 1.60 4.68
CA ASN A 21 -18.35 1.52 3.22
C ASN A 21 -18.24 0.10 2.70
N ILE A 22 -18.58 -0.88 3.51
CA ILE A 22 -18.51 -2.28 3.15
C ILE A 22 -19.93 -2.91 3.26
N GLY A 23 -20.30 -3.58 2.19
CA GLY A 23 -21.60 -4.26 2.09
C GLY A 23 -21.60 -5.49 2.98
N ALA A 24 -22.79 -6.02 3.28
CA ALA A 24 -24.10 -5.56 2.83
C ALA A 24 -24.86 -4.78 3.89
N ASP A 25 -24.27 -4.50 5.01
CA ASP A 25 -24.80 -3.77 6.15
C ASP A 25 -24.16 -2.38 6.31
N GLY A 26 -23.22 -2.03 5.47
CA GLY A 26 -22.50 -0.75 5.52
C GLY A 26 -23.50 0.36 5.38
N ALA A 27 -23.51 1.29 6.33
CA ALA A 27 -24.48 2.38 6.34
C ALA A 27 -24.46 3.31 5.15
N TRP A 28 -23.31 3.47 4.51
CA TRP A 28 -23.19 4.41 3.40
C TRP A 28 -23.31 3.82 2.03
N VAL A 29 -23.35 2.50 1.97
CA VAL A 29 -23.34 1.83 0.67
C VAL A 29 -24.35 0.73 0.44
N SER A 30 -25.58 1.01 0.72
CA SER A 30 -26.72 0.09 0.50
C SER A 30 -26.69 -0.19 -1.01
N GLY A 31 -26.69 -1.44 -1.37
CA GLY A 31 -26.59 -1.89 -2.74
C GLY A 31 -25.33 -2.76 -2.92
N ALA A 32 -24.34 -2.53 -2.08
CA ALA A 32 -23.09 -3.29 -2.16
C ALA A 32 -23.31 -4.68 -1.59
N ASP A 33 -22.81 -5.66 -2.32
CA ASP A 33 -22.95 -7.06 -1.87
C ASP A 33 -22.13 -7.29 -0.60
N SER A 34 -22.28 -8.48 -0.04
CA SER A 34 -21.60 -8.87 1.18
C SER A 34 -20.09 -8.91 0.99
N GLY A 35 -19.35 -8.15 1.82
CA GLY A 35 -17.91 -8.15 1.73
C GLY A 35 -17.29 -7.28 0.65
N ILE A 36 -18.08 -6.50 -0.04
CA ILE A 36 -17.66 -5.59 -1.10
C ILE A 36 -17.29 -4.25 -0.46
N VAL A 37 -16.01 -3.94 -0.61
CA VAL A 37 -15.47 -2.65 -0.10
C VAL A 37 -15.70 -1.62 -1.20
N VAL A 38 -16.45 -0.61 -0.88
CA VAL A 38 -16.74 0.47 -1.87
C VAL A 38 -15.70 1.57 -1.71
N ALA A 39 -15.18 2.07 -2.81
CA ALA A 39 -14.14 3.11 -2.76
C ALA A 39 -14.62 4.35 -2.04
N SER A 40 -15.85 4.73 -2.35
CA SER A 40 -16.51 5.90 -1.75
C SER A 40 -18.01 5.84 -2.03
N PRO A 41 -18.81 6.36 -1.12
CA PRO A 41 -20.26 6.41 -1.29
C PRO A 41 -20.67 7.43 -2.35
N SER A 42 -19.72 8.17 -2.89
CA SER A 42 -19.98 9.22 -3.91
C SER A 42 -20.35 8.51 -5.21
N THR A 43 -21.59 8.73 -5.61
CA THR A 43 -22.18 8.16 -6.82
C THR A 43 -22.19 9.18 -7.94
N ASP A 44 -21.89 10.44 -7.66
CA ASP A 44 -21.90 11.47 -8.72
C ASP A 44 -20.78 12.48 -8.40
N ASN A 45 -20.17 12.93 -9.46
CA ASN A 45 -19.09 13.89 -9.53
C ASN A 45 -18.18 13.93 -8.31
N PRO A 46 -17.23 13.01 -8.17
CA PRO A 46 -17.02 11.89 -9.09
C PRO A 46 -17.89 10.70 -8.61
N ASP A 47 -18.04 9.75 -9.51
CA ASP A 47 -18.73 8.49 -9.28
C ASP A 47 -17.68 7.43 -8.91
N TYR A 48 -17.60 7.14 -7.64
CA TYR A 48 -16.66 6.16 -7.12
C TYR A 48 -17.41 4.99 -6.47
N PHE A 49 -18.68 4.88 -6.79
CA PHE A 49 -19.53 3.80 -6.21
C PHE A 49 -19.28 2.51 -6.98
N TYR A 50 -18.09 1.96 -6.77
CA TYR A 50 -17.53 0.78 -7.35
C TYR A 50 -16.58 0.13 -6.33
N THR A 51 -16.18 -1.07 -6.67
CA THR A 51 -15.24 -1.80 -5.84
C THR A 51 -13.98 -2.07 -6.71
N TRP A 52 -12.89 -1.50 -6.28
CA TRP A 52 -11.56 -1.63 -6.90
C TRP A 52 -10.80 -2.75 -6.18
N THR A 53 -10.11 -3.57 -6.96
CA THR A 53 -9.32 -4.66 -6.33
C THR A 53 -8.22 -4.11 -5.43
N ARG A 54 -7.59 -3.04 -5.88
CA ARG A 54 -6.50 -2.37 -5.14
C ARG A 54 -7.01 -1.83 -3.82
N ASP A 55 -7.94 -0.89 -3.86
CA ASP A 55 -8.52 -0.22 -2.69
C ASP A 55 -8.93 -1.27 -1.65
N SER A 56 -9.71 -2.23 -2.08
CA SER A 56 -10.22 -3.31 -1.25
C SER A 56 -9.07 -4.09 -0.65
N GLY A 57 -8.07 -4.41 -1.46
CA GLY A 57 -6.92 -5.19 -0.99
C GLY A 57 -6.17 -4.47 0.14
N LEU A 58 -5.94 -3.20 -0.04
CA LEU A 58 -5.23 -2.32 0.90
C LEU A 58 -6.04 -2.17 2.19
N VAL A 59 -7.33 -1.95 2.04
CA VAL A 59 -8.24 -1.77 3.15
C VAL A 59 -8.28 -3.03 4.00
N ILE A 60 -8.53 -4.14 3.34
CA ILE A 60 -8.63 -5.42 4.04
C ILE A 60 -7.34 -5.79 4.73
N LYS A 61 -6.21 -5.51 4.11
CA LYS A 61 -4.91 -5.89 4.75
C LYS A 61 -4.83 -5.12 6.07
N THR A 62 -5.28 -3.89 6.05
CA THR A 62 -5.30 -3.02 7.22
C THR A 62 -6.18 -3.60 8.29
N LEU A 63 -7.36 -4.02 7.90
CA LEU A 63 -8.32 -4.62 8.85
C LEU A 63 -7.78 -5.93 9.36
N VAL A 64 -7.11 -6.67 8.54
CA VAL A 64 -6.55 -7.95 8.98
C VAL A 64 -5.54 -7.71 10.11
N ASP A 65 -4.70 -6.70 9.93
CA ASP A 65 -3.67 -6.37 10.91
C ASP A 65 -4.33 -5.94 12.22
N LEU A 66 -5.38 -5.15 12.14
CA LEU A 66 -6.07 -4.68 13.34
C LEU A 66 -6.64 -5.88 14.09
N PHE A 67 -7.21 -6.78 13.32
CA PHE A 67 -7.85 -8.00 13.81
C PHE A 67 -6.83 -8.86 14.57
N ARG A 68 -5.69 -9.08 13.93
CA ARG A 68 -4.64 -9.89 14.53
C ARG A 68 -4.13 -9.22 15.80
N ASN A 69 -4.30 -7.91 15.92
CA ASN A 69 -3.87 -7.20 17.12
C ASN A 69 -4.97 -7.16 18.17
N GLY A 70 -6.05 -7.90 17.99
CA GLY A 70 -7.09 -7.87 19.03
C GLY A 70 -8.43 -7.32 18.60
N ASP A 71 -8.60 -6.72 17.43
CA ASP A 71 -9.90 -6.18 16.99
C ASP A 71 -10.71 -7.32 16.35
N THR A 72 -11.16 -8.19 17.25
CA THR A 72 -11.84 -9.42 16.92
C THR A 72 -13.16 -9.32 16.21
N ASP A 73 -13.86 -8.25 16.47
CA ASP A 73 -15.15 -7.92 15.86
C ASP A 73 -15.03 -7.76 14.36
N LEU A 74 -13.84 -7.66 13.80
CA LEU A 74 -13.65 -7.50 12.36
C LEU A 74 -13.67 -8.84 11.64
N LEU A 75 -13.80 -9.93 12.40
CA LEU A 75 -13.79 -11.26 11.82
C LEU A 75 -14.78 -11.45 10.67
N SER A 76 -16.04 -11.12 10.91
CA SER A 76 -17.06 -11.34 9.88
C SER A 76 -16.86 -10.50 8.66
N THR A 77 -16.37 -9.30 8.78
CA THR A 77 -16.06 -8.41 7.68
C THR A 77 -15.02 -9.09 6.74
N ILE A 78 -14.03 -9.70 7.34
CA ILE A 78 -12.94 -10.37 6.60
C ILE A 78 -13.43 -11.63 5.92
N GLU A 79 -14.25 -12.39 6.62
CA GLU A 79 -14.84 -13.62 6.05
C GLU A 79 -15.70 -13.28 4.84
N HIS A 80 -16.49 -12.22 4.99
CA HIS A 80 -17.35 -11.74 3.90
C HIS A 80 -16.52 -11.32 2.71
N TYR A 81 -15.41 -10.61 2.93
CA TYR A 81 -14.53 -10.18 1.84
C TYR A 81 -14.02 -11.37 1.02
N ILE A 82 -13.53 -12.37 1.74
CA ILE A 82 -12.99 -13.60 1.15
C ILE A 82 -14.04 -14.30 0.29
N SER A 83 -15.24 -14.42 0.85
CA SER A 83 -16.34 -15.06 0.14
C SER A 83 -16.66 -14.33 -1.17
N SER A 84 -16.63 -13.02 -1.08
CA SER A 84 -16.94 -12.18 -2.22
C SER A 84 -15.90 -12.31 -3.31
N GLN A 85 -14.66 -12.53 -2.91
CA GLN A 85 -13.53 -12.64 -3.86
C GLN A 85 -13.59 -13.93 -4.62
N ALA A 86 -14.08 -14.98 -3.99
CA ALA A 86 -14.27 -16.29 -4.61
C ALA A 86 -15.19 -16.12 -5.84
N ILE A 87 -16.20 -15.26 -5.68
CA ILE A 87 -17.15 -14.92 -6.72
C ILE A 87 -16.50 -13.99 -7.74
N ILE A 88 -15.99 -12.86 -7.32
CA ILE A 88 -15.35 -11.90 -8.24
C ILE A 88 -14.30 -12.56 -9.14
N GLN A 89 -13.42 -13.39 -8.65
CA GLN A 89 -12.37 -14.04 -9.44
C GLN A 89 -12.85 -14.66 -10.74
N GLY A 90 -14.04 -15.27 -10.61
CA GLY A 90 -14.78 -15.94 -11.64
C GLY A 90 -15.63 -15.03 -12.50
N VAL A 91 -15.76 -13.75 -12.15
CA VAL A 91 -16.59 -12.87 -13.02
C VAL A 91 -15.81 -12.59 -14.31
N SER A 92 -16.51 -12.86 -15.39
CA SER A 92 -16.07 -12.68 -16.77
C SER A 92 -16.09 -11.18 -17.03
N ASN A 93 -15.01 -10.57 -17.45
CA ASN A 93 -15.03 -9.07 -17.62
C ASN A 93 -14.19 -8.68 -18.81
N PRO A 94 -14.09 -7.40 -19.12
CA PRO A 94 -13.29 -6.90 -20.22
C PRO A 94 -11.84 -7.32 -20.23
N SER A 95 -11.26 -7.69 -19.12
CA SER A 95 -9.87 -8.17 -19.06
C SER A 95 -9.81 -9.67 -19.29
N GLY A 96 -10.92 -10.38 -19.28
CA GLY A 96 -10.96 -11.82 -19.48
C GLY A 96 -11.74 -12.54 -18.37
N ASP A 97 -11.49 -13.84 -18.31
CA ASP A 97 -12.06 -14.79 -17.33
C ASP A 97 -10.95 -15.15 -16.30
N LEU A 98 -11.31 -16.02 -15.38
CA LEU A 98 -10.42 -16.45 -14.33
C LEU A 98 -9.04 -16.82 -14.87
N SER A 99 -9.07 -17.70 -15.85
CA SER A 99 -7.82 -18.23 -16.42
C SER A 99 -7.23 -17.50 -17.60
N SER A 100 -7.87 -16.45 -18.05
CA SER A 100 -7.42 -15.74 -19.26
C SER A 100 -7.23 -14.25 -19.10
N GLY A 101 -6.92 -13.76 -17.92
CA GLY A 101 -6.67 -12.36 -17.66
C GLY A 101 -7.67 -11.62 -16.79
N GLY A 102 -8.80 -12.23 -16.43
CA GLY A 102 -9.81 -11.60 -15.62
C GLY A 102 -9.37 -10.98 -14.32
N LEU A 103 -8.39 -11.62 -13.72
CA LEU A 103 -7.82 -11.20 -12.44
C LEU A 103 -7.25 -9.80 -12.43
N GLY A 104 -6.85 -9.29 -13.61
CA GLY A 104 -6.27 -7.99 -13.75
C GLY A 104 -7.20 -6.80 -13.77
N GLU A 105 -8.48 -7.04 -13.93
CA GLU A 105 -9.53 -6.02 -14.02
C GLU A 105 -9.50 -5.11 -12.81
N PRO A 106 -9.38 -3.84 -13.05
CA PRO A 106 -9.33 -2.83 -11.99
C PRO A 106 -10.49 -2.75 -11.03
N LYS A 107 -11.71 -2.65 -11.55
CA LYS A 107 -12.89 -2.46 -10.71
C LYS A 107 -14.13 -3.20 -11.23
N PHE A 108 -15.10 -3.29 -10.34
CA PHE A 108 -16.39 -3.98 -10.63
C PHE A 108 -17.51 -3.13 -10.00
N ASN A 109 -18.73 -3.44 -10.37
CA ASN A 109 -19.95 -2.83 -9.76
C ASN A 109 -20.05 -3.43 -8.35
N VAL A 110 -20.69 -2.68 -7.46
CA VAL A 110 -20.87 -3.13 -6.05
C VAL A 110 -21.72 -4.36 -5.90
N ASP A 111 -22.43 -4.73 -6.94
CA ASP A 111 -23.31 -5.90 -7.00
C ASP A 111 -22.59 -7.11 -7.56
N GLU A 112 -21.30 -6.97 -7.79
CA GLU A 112 -20.37 -7.99 -8.28
C GLU A 112 -20.48 -8.35 -9.74
N THR A 113 -21.03 -7.43 -10.51
CA THR A 113 -21.15 -7.54 -11.96
C THR A 113 -19.94 -6.74 -12.52
N ALA A 114 -19.57 -7.12 -13.72
CA ALA A 114 -18.47 -6.50 -14.42
C ALA A 114 -18.79 -5.06 -14.79
N TYR A 115 -17.73 -4.27 -14.75
CA TYR A 115 -17.84 -2.87 -15.22
C TYR A 115 -17.37 -3.03 -16.68
N THR A 116 -18.23 -2.70 -17.62
CA THR A 116 -17.88 -2.91 -19.04
C THR A 116 -17.48 -1.68 -19.79
N GLY A 117 -17.52 -0.50 -19.23
CA GLY A 117 -17.09 0.69 -20.02
C GLY A 117 -15.57 0.68 -20.17
N SER A 118 -15.07 1.77 -20.73
CA SER A 118 -13.65 2.01 -20.97
C SER A 118 -12.99 2.34 -19.63
N TRP A 119 -11.81 1.78 -19.46
CA TRP A 119 -11.06 1.98 -18.21
C TRP A 119 -9.60 1.67 -18.51
N GLY A 120 -8.70 2.18 -17.67
CA GLY A 120 -7.27 1.89 -17.92
C GLY A 120 -7.06 0.48 -17.33
N ARG A 121 -7.16 -0.49 -18.20
CA ARG A 121 -7.07 -1.89 -17.81
C ARG A 121 -6.05 -2.60 -18.67
N PRO A 122 -5.41 -3.63 -18.13
CA PRO A 122 -5.57 -4.13 -16.77
C PRO A 122 -4.65 -3.36 -15.82
N GLN A 123 -4.79 -3.65 -14.56
CA GLN A 123 -3.96 -3.08 -13.46
C GLN A 123 -3.43 -4.31 -12.75
N ARG A 124 -2.15 -4.57 -12.90
CA ARG A 124 -1.62 -5.82 -12.32
C ARG A 124 -1.23 -5.84 -10.88
N ASP A 125 -1.45 -4.74 -10.16
CA ASP A 125 -1.14 -4.67 -8.73
C ASP A 125 -2.22 -5.41 -7.93
N GLY A 126 -3.45 -5.33 -8.41
CA GLY A 126 -4.64 -5.90 -7.83
C GLY A 126 -4.48 -7.28 -7.28
N PRO A 127 -4.20 -8.22 -8.16
CA PRO A 127 -4.00 -9.62 -7.74
C PRO A 127 -2.99 -9.73 -6.62
N ALA A 128 -1.87 -9.00 -6.66
CA ALA A 128 -0.82 -9.02 -5.66
C ALA A 128 -1.33 -8.56 -4.30
N LEU A 129 -2.05 -7.45 -4.34
CA LEU A 129 -2.65 -6.82 -3.15
C LEU A 129 -3.72 -7.71 -2.52
N ARG A 130 -4.57 -8.28 -3.37
CA ARG A 130 -5.61 -9.19 -2.83
C ARG A 130 -4.93 -10.39 -2.17
N ALA A 131 -3.91 -10.94 -2.81
CA ALA A 131 -3.17 -12.09 -2.25
C ALA A 131 -2.54 -11.75 -0.91
N THR A 132 -1.86 -10.64 -0.81
CA THR A 132 -1.23 -10.22 0.45
C THR A 132 -2.27 -10.12 1.56
N ALA A 133 -3.43 -9.58 1.25
CA ALA A 133 -4.51 -9.42 2.27
C ALA A 133 -5.05 -10.75 2.73
N MET A 134 -5.17 -11.70 1.82
CA MET A 134 -5.71 -13.04 2.14
C MET A 134 -4.71 -13.87 2.91
N ILE A 135 -3.47 -13.79 2.48
CA ILE A 135 -2.38 -14.53 3.13
C ILE A 135 -2.32 -14.19 4.63
N GLY A 136 -2.48 -12.89 4.92
CA GLY A 136 -2.41 -12.48 6.34
C GLY A 136 -3.47 -13.20 7.17
N PHE A 137 -4.67 -13.26 6.61
CA PHE A 137 -5.81 -13.93 7.26
C PHE A 137 -5.54 -15.43 7.34
N GLY A 138 -5.02 -16.00 6.28
CA GLY A 138 -4.63 -17.41 6.15
C GLY A 138 -3.65 -17.79 7.26
N GLN A 139 -2.68 -16.91 7.53
CA GLN A 139 -1.66 -17.14 8.56
C GLN A 139 -2.33 -17.26 9.94
N TRP A 140 -3.15 -16.29 10.30
CA TRP A 140 -3.95 -16.35 11.54
C TRP A 140 -4.72 -17.67 11.62
N LEU A 141 -5.45 -18.06 10.57
CA LEU A 141 -6.21 -19.34 10.58
C LEU A 141 -5.29 -20.51 10.90
N LEU A 142 -4.09 -20.53 10.30
CA LEU A 142 -3.16 -21.62 10.61
C LEU A 142 -2.74 -21.61 12.07
N ASP A 143 -2.37 -20.43 12.56
CA ASP A 143 -1.89 -20.27 13.94
C ASP A 143 -2.91 -20.61 15.02
N ASN A 144 -4.16 -20.38 14.74
CA ASN A 144 -5.26 -20.59 15.67
C ASN A 144 -6.00 -21.89 15.52
N GLY A 145 -5.48 -22.83 14.77
CA GLY A 145 -6.08 -24.14 14.57
C GLY A 145 -7.26 -24.24 13.62
N TYR A 146 -7.28 -23.44 12.56
CA TYR A 146 -8.38 -23.53 11.58
C TYR A 146 -7.75 -23.83 10.23
N THR A 147 -6.88 -24.84 10.26
CA THR A 147 -6.12 -25.28 9.11
C THR A 147 -6.95 -25.51 7.86
N SER A 148 -8.10 -26.09 8.05
CA SER A 148 -9.02 -26.41 6.96
C SER A 148 -9.47 -25.18 6.20
N ALA A 149 -9.83 -24.14 6.92
CA ALA A 149 -10.26 -22.89 6.30
C ALA A 149 -9.10 -22.31 5.50
N ALA A 150 -7.91 -22.39 6.02
CA ALA A 150 -6.70 -21.89 5.40
C ALA A 150 -6.34 -22.67 4.13
N THR A 151 -6.39 -23.95 4.18
CA THR A 151 -6.04 -24.91 3.14
C THR A 151 -7.05 -25.03 2.03
N GLU A 152 -8.31 -24.98 2.33
CA GLU A 152 -9.39 -25.18 1.36
C GLU A 152 -10.06 -23.97 0.81
N ILE A 153 -10.06 -22.87 1.54
CA ILE A 153 -10.64 -21.62 1.11
C ILE A 153 -9.53 -20.64 0.69
N VAL A 154 -8.75 -20.18 1.66
CA VAL A 154 -7.70 -19.17 1.43
C VAL A 154 -6.67 -19.59 0.40
N TRP A 155 -5.94 -20.67 0.60
CA TRP A 155 -4.92 -21.12 -0.33
C TRP A 155 -5.40 -21.11 -1.78
N PRO A 156 -6.44 -21.83 -2.14
CA PRO A 156 -6.97 -21.88 -3.49
C PRO A 156 -7.21 -20.53 -4.11
N LEU A 157 -7.69 -19.55 -3.33
CA LEU A 157 -7.96 -18.20 -3.81
C LEU A 157 -6.63 -17.49 -4.09
N VAL A 158 -5.73 -17.62 -3.13
CA VAL A 158 -4.41 -16.97 -3.25
C VAL A 158 -3.70 -17.52 -4.49
N ARG A 159 -3.74 -18.83 -4.63
CA ARG A 159 -3.14 -19.57 -5.72
C ARG A 159 -3.53 -18.95 -7.06
N ASN A 160 -4.80 -18.57 -7.24
CA ASN A 160 -5.24 -17.91 -8.49
C ASN A 160 -4.49 -16.60 -8.75
N ASP A 161 -4.46 -15.76 -7.74
CA ASP A 161 -3.79 -14.45 -7.79
C ASP A 161 -2.28 -14.63 -7.96
N LEU A 162 -1.65 -15.56 -7.25
CA LEU A 162 -0.21 -15.77 -7.45
C LEU A 162 0.11 -16.19 -8.87
N SER A 163 -0.71 -17.05 -9.47
CA SER A 163 -0.52 -17.53 -10.84
C SER A 163 -0.56 -16.38 -11.81
N TYR A 164 -1.47 -15.43 -11.57
CA TYR A 164 -1.58 -14.27 -12.45
C TYR A 164 -0.32 -13.42 -12.38
N VAL A 165 0.17 -13.08 -11.22
CA VAL A 165 1.36 -12.27 -11.02
C VAL A 165 2.58 -12.91 -11.73
N ALA A 166 2.81 -14.19 -11.46
CA ALA A 166 3.96 -14.92 -12.04
C ALA A 166 3.86 -14.96 -13.56
N GLN A 167 2.61 -14.99 -14.04
CA GLN A 167 2.41 -15.09 -15.47
C GLN A 167 2.58 -13.79 -16.21
N TYR A 168 2.08 -12.67 -15.69
CA TYR A 168 2.13 -11.43 -16.44
C TYR A 168 2.99 -10.34 -15.83
N TRP A 169 3.76 -10.53 -14.78
CA TRP A 169 4.53 -9.38 -14.27
C TRP A 169 5.30 -8.56 -15.30
N ASN A 170 5.90 -9.23 -16.25
CA ASN A 170 6.75 -8.65 -17.31
C ASN A 170 5.98 -8.10 -18.49
N GLN A 171 4.73 -7.72 -18.27
CA GLN A 171 3.90 -7.12 -19.34
C GLN A 171 3.45 -5.75 -18.87
N THR A 172 3.25 -4.84 -19.81
CA THR A 172 2.80 -3.49 -19.45
C THR A 172 1.38 -3.53 -18.94
N GLY A 173 0.93 -2.43 -18.41
CA GLY A 173 -0.43 -2.27 -17.87
C GLY A 173 -0.54 -0.85 -17.31
N TYR A 174 -1.57 -0.59 -16.56
CA TYR A 174 -1.74 0.74 -16.00
C TYR A 174 -1.19 0.79 -14.59
N ASP A 175 -0.75 1.94 -14.18
CA ASP A 175 -0.21 2.15 -12.81
C ASP A 175 -1.36 2.21 -11.80
N LEU A 176 -1.06 2.35 -10.53
CA LEU A 176 -2.07 2.46 -9.48
C LEU A 176 -2.93 3.70 -9.68
N TRP A 177 -2.44 4.70 -10.43
CA TRP A 177 -3.28 5.92 -10.58
C TRP A 177 -4.20 5.76 -11.79
N GLU A 178 -4.09 4.62 -12.46
CA GLU A 178 -4.93 4.27 -13.63
C GLU A 178 -4.78 5.18 -14.81
N GLU A 179 -3.56 5.68 -15.03
CA GLU A 179 -3.37 6.62 -16.15
C GLU A 179 -2.20 6.37 -17.05
N VAL A 180 -1.14 5.69 -16.56
CA VAL A 180 0.04 5.47 -17.39
C VAL A 180 0.07 4.02 -17.82
N ASN A 181 0.14 3.82 -19.13
CA ASN A 181 0.24 2.45 -19.65
C ASN A 181 1.75 2.13 -19.76
N GLY A 182 2.29 1.36 -18.83
CA GLY A 182 3.73 1.03 -18.90
C GLY A 182 4.11 0.02 -17.84
N SER A 183 5.17 0.26 -17.12
CA SER A 183 5.74 -0.61 -16.06
C SER A 183 5.92 0.33 -14.87
N SER A 184 5.34 -0.02 -13.77
CA SER A 184 5.25 0.86 -12.58
C SER A 184 5.93 0.27 -11.38
N PHE A 185 6.68 1.10 -10.67
CA PHE A 185 7.44 0.62 -9.50
C PHE A 185 6.54 0.00 -8.44
N PHE A 186 5.51 0.71 -8.05
CA PHE A 186 4.54 0.25 -7.04
C PHE A 186 4.10 -1.16 -7.40
N THR A 187 3.64 -1.30 -8.63
CA THR A 187 3.14 -2.62 -9.09
C THR A 187 4.18 -3.72 -8.92
N ILE A 188 5.38 -3.48 -9.42
CA ILE A 188 6.51 -4.43 -9.37
C ILE A 188 6.87 -4.78 -7.94
N ALA A 189 6.98 -3.75 -7.10
CA ALA A 189 7.30 -3.93 -5.69
C ALA A 189 6.26 -4.82 -5.00
N VAL A 190 4.98 -4.53 -5.13
CA VAL A 190 3.95 -5.35 -4.43
C VAL A 190 3.86 -6.74 -5.03
N GLN A 191 4.18 -6.88 -6.29
CA GLN A 191 4.17 -8.20 -6.95
C GLN A 191 5.28 -9.08 -6.42
N HIS A 192 6.49 -8.51 -6.25
CA HIS A 192 7.62 -9.30 -5.68
C HIS A 192 7.23 -9.78 -4.30
N ARG A 193 6.68 -8.88 -3.49
CA ARG A 193 6.29 -9.24 -2.11
C ARG A 193 5.31 -10.43 -2.12
N ALA A 194 4.26 -10.32 -2.89
CA ALA A 194 3.18 -11.31 -2.98
C ALA A 194 3.71 -12.70 -3.29
N LEU A 195 4.63 -12.78 -4.22
CA LEU A 195 5.22 -14.06 -4.60
C LEU A 195 6.02 -14.65 -3.45
N VAL A 196 6.78 -13.85 -2.75
CA VAL A 196 7.59 -14.34 -1.62
C VAL A 196 6.69 -14.82 -0.49
N GLU A 197 5.72 -14.03 -0.08
CA GLU A 197 4.87 -14.54 1.02
C GLU A 197 3.92 -15.60 0.55
N GLY A 198 3.61 -15.63 -0.73
CA GLY A 198 2.74 -16.64 -1.35
C GLY A 198 3.42 -18.00 -1.28
N SER A 199 4.73 -17.95 -1.50
CA SER A 199 5.54 -19.18 -1.44
C SER A 199 5.60 -19.75 -0.03
N ALA A 200 5.83 -18.89 0.95
CA ALA A 200 5.86 -19.35 2.34
C ALA A 200 4.48 -19.89 2.74
N PHE A 201 3.45 -19.21 2.32
CA PHE A 201 2.06 -19.64 2.66
C PHE A 201 1.77 -21.01 2.04
N ALA A 202 2.12 -21.18 0.78
CA ALA A 202 1.95 -22.44 0.06
C ALA A 202 2.57 -23.58 0.86
N THR A 203 3.79 -23.39 1.32
CA THR A 203 4.49 -24.41 2.10
C THR A 203 3.80 -24.69 3.40
N ALA A 204 3.33 -23.62 4.04
CA ALA A 204 2.65 -23.74 5.33
C ALA A 204 1.44 -24.67 5.27
N VAL A 205 0.69 -24.67 4.20
CA VAL A 205 -0.52 -25.45 3.94
C VAL A 205 -0.25 -26.82 3.36
N GLY A 206 1.02 -27.14 3.09
CA GLY A 206 1.43 -28.48 2.59
C GLY A 206 1.35 -28.55 1.08
N SER A 207 1.49 -27.40 0.45
CA SER A 207 1.45 -27.31 -1.03
C SER A 207 2.74 -26.65 -1.51
N SER A 208 2.70 -26.06 -2.69
CA SER A 208 3.88 -25.38 -3.22
C SER A 208 3.40 -24.34 -4.25
N CYS A 209 4.30 -23.45 -4.54
CA CYS A 209 4.22 -22.37 -5.49
C CYS A 209 5.56 -22.27 -6.26
N SER A 210 5.73 -23.25 -7.13
CA SER A 210 6.97 -23.32 -7.94
C SER A 210 7.13 -22.03 -8.73
N TRP A 211 6.05 -21.49 -9.26
CA TRP A 211 6.08 -20.25 -10.05
C TRP A 211 6.38 -19.02 -9.18
N CYS A 212 6.07 -19.09 -7.91
CA CYS A 212 6.42 -18.00 -6.98
C CYS A 212 7.96 -17.98 -6.87
N ASP A 213 8.53 -19.16 -6.67
CA ASP A 213 9.97 -19.32 -6.50
C ASP A 213 10.82 -18.94 -7.70
N SER A 214 10.44 -19.30 -8.89
CA SER A 214 11.26 -18.95 -10.08
C SER A 214 11.12 -17.49 -10.45
N GLN A 215 9.95 -16.90 -10.26
CA GLN A 215 9.70 -15.51 -10.62
C GLN A 215 10.05 -14.42 -9.68
N ALA A 216 9.96 -14.57 -8.39
CA ALA A 216 10.27 -13.55 -7.42
C ALA A 216 11.65 -12.92 -7.62
N PRO A 217 12.72 -13.72 -7.72
CA PRO A 217 14.07 -13.23 -7.93
C PRO A 217 14.16 -12.37 -9.18
N GLN A 218 13.47 -12.73 -10.22
CA GLN A 218 13.44 -12.00 -11.50
C GLN A 218 12.69 -10.68 -11.41
N ILE A 219 11.62 -10.66 -10.61
CA ILE A 219 10.88 -9.39 -10.40
C ILE A 219 11.83 -8.43 -9.64
N LEU A 220 12.53 -8.94 -8.62
CA LEU A 220 13.48 -8.19 -7.81
C LEU A 220 14.59 -7.60 -8.69
N CYS A 221 15.12 -8.41 -9.55
CA CYS A 221 16.17 -8.07 -10.50
C CYS A 221 15.73 -6.82 -11.29
N TYR A 222 14.55 -6.95 -11.84
CA TYR A 222 13.90 -5.91 -12.62
C TYR A 222 13.69 -4.64 -11.79
N LEU A 223 13.24 -4.80 -10.56
CA LEU A 223 12.97 -3.68 -9.67
C LEU A 223 14.12 -2.66 -9.54
N GLN A 224 15.35 -3.13 -9.65
CA GLN A 224 16.58 -2.37 -9.56
C GLN A 224 16.67 -1.30 -10.63
N SER A 225 16.07 -1.56 -11.77
CA SER A 225 16.06 -0.66 -12.91
C SER A 225 15.32 0.64 -12.60
N PHE A 226 14.52 0.66 -11.55
CA PHE A 226 13.73 1.87 -11.20
C PHE A 226 14.59 2.90 -10.52
N TRP A 227 15.74 2.56 -9.99
CA TRP A 227 16.66 3.54 -9.34
C TRP A 227 17.42 4.31 -10.45
N THR A 228 17.33 5.63 -10.42
CA THR A 228 17.99 6.43 -11.47
C THR A 228 19.36 6.94 -11.04
N GLY A 229 19.70 6.83 -9.78
CA GLY A 229 20.94 7.39 -9.21
C GLY A 229 20.53 8.47 -8.20
N SER A 230 19.31 9.03 -8.34
CA SER A 230 18.92 10.07 -7.37
C SER A 230 17.54 9.91 -6.78
N TYR A 231 16.68 9.20 -7.48
CA TYR A 231 15.31 8.90 -7.02
C TYR A 231 14.83 7.64 -7.73
N ILE A 232 13.65 7.21 -7.28
CA ILE A 232 12.97 6.02 -7.82
C ILE A 232 12.04 6.50 -8.95
N LEU A 233 12.28 5.94 -10.12
CA LEU A 233 11.42 6.27 -11.28
C LEU A 233 10.04 5.60 -11.05
N ALA A 234 8.99 6.38 -11.11
CA ALA A 234 7.66 5.80 -10.86
C ALA A 234 7.24 4.81 -11.95
N ASN A 235 7.47 5.16 -13.20
CA ASN A 235 7.08 4.41 -14.37
C ASN A 235 8.03 4.54 -15.57
N PHE A 236 8.10 3.43 -16.28
CA PHE A 236 8.82 3.36 -17.58
C PHE A 236 7.71 3.66 -18.60
N ASP A 237 7.98 4.32 -19.68
CA ASP A 237 7.07 4.68 -20.74
C ASP A 237 6.31 5.95 -20.34
N SER A 238 7.04 6.81 -19.66
CA SER A 238 6.36 8.07 -19.25
C SER A 238 7.24 9.24 -19.63
N SER A 239 6.58 10.32 -19.95
CA SER A 239 7.19 11.59 -20.34
C SER A 239 7.30 12.49 -19.13
N ARG A 240 6.85 12.05 -17.98
CA ARG A 240 6.91 12.89 -16.75
C ARG A 240 8.30 12.82 -16.13
N SER A 241 8.51 13.58 -15.06
CA SER A 241 9.79 13.53 -14.36
C SER A 241 9.97 12.14 -13.75
N GLY A 242 8.90 11.55 -13.25
CA GLY A 242 9.04 10.21 -12.61
C GLY A 242 8.93 10.26 -11.10
N LYS A 243 8.90 11.45 -10.55
CA LYS A 243 8.76 11.73 -9.11
C LYS A 243 7.27 11.50 -8.79
N ASP A 244 7.01 10.55 -7.94
CA ASP A 244 5.59 10.23 -7.66
C ASP A 244 5.47 9.49 -6.33
N THR A 245 4.45 9.82 -5.54
CA THR A 245 4.21 9.14 -4.27
C THR A 245 3.94 7.66 -4.49
N ASN A 246 3.74 7.25 -5.74
CA ASN A 246 3.64 5.80 -6.08
C ASN A 246 4.84 5.11 -5.42
N THR A 247 5.98 5.82 -5.44
CA THR A 247 7.23 5.25 -4.86
C THR A 247 7.22 5.21 -3.36
N LEU A 248 6.53 6.11 -2.71
CA LEU A 248 6.44 6.11 -1.22
C LEU A 248 5.56 4.94 -0.81
N LEU A 249 4.44 4.81 -1.53
CA LEU A 249 3.48 3.70 -1.31
C LEU A 249 4.16 2.36 -1.49
N GLY A 250 4.94 2.23 -2.54
CA GLY A 250 5.65 0.97 -2.81
C GLY A 250 6.49 0.60 -1.61
N SER A 251 7.17 1.61 -1.02
CA SER A 251 8.01 1.36 0.15
C SER A 251 7.24 0.98 1.40
N ILE A 252 6.23 1.73 1.78
CA ILE A 252 5.48 1.41 3.01
C ILE A 252 4.67 0.15 2.97
N HIS A 253 4.14 -0.19 1.81
CA HIS A 253 3.33 -1.41 1.62
C HIS A 253 4.17 -2.65 1.45
N THR A 254 5.48 -2.46 1.39
CA THR A 254 6.44 -3.59 1.31
C THR A 254 7.42 -3.54 2.48
N PHE A 255 7.21 -2.67 3.42
CA PHE A 255 8.00 -2.59 4.66
C PHE A 255 7.91 -3.93 5.41
N ASP A 256 9.05 -4.42 5.81
CA ASP A 256 9.17 -5.65 6.60
C ASP A 256 9.88 -5.21 7.90
N PRO A 257 9.26 -5.28 9.05
CA PRO A 257 9.89 -4.85 10.30
C PRO A 257 11.17 -5.59 10.68
N GLU A 258 11.46 -6.70 10.08
CA GLU A 258 12.60 -7.56 10.32
C GLU A 258 13.82 -7.25 9.46
N ALA A 259 13.59 -6.46 8.43
CA ALA A 259 14.52 -6.04 7.43
C ALA A 259 15.40 -4.89 7.88
N GLY A 260 16.60 -4.87 7.32
CA GLY A 260 17.50 -3.71 7.63
C GLY A 260 17.14 -2.67 6.55
N CYS A 261 17.99 -1.71 6.36
CA CYS A 261 17.89 -0.60 5.43
C CYS A 261 18.37 -1.04 4.05
N ASP A 262 17.73 -2.08 3.53
CA ASP A 262 17.99 -2.71 2.26
C ASP A 262 17.47 -1.91 1.05
N ASP A 263 18.45 -1.55 0.27
CA ASP A 263 18.34 -0.83 -0.96
C ASP A 263 17.68 -1.71 -2.04
N SER A 264 17.98 -3.00 -2.04
CA SER A 264 17.45 -3.88 -3.08
C SER A 264 15.93 -4.00 -3.02
N THR A 265 15.38 -3.82 -1.84
CA THR A 265 13.93 -3.92 -1.66
C THR A 265 13.31 -2.57 -1.36
N PHE A 266 14.13 -1.55 -1.45
CA PHE A 266 13.68 -0.16 -1.23
C PHE A 266 12.99 0.00 0.12
N GLN A 267 13.55 -0.53 1.20
CA GLN A 267 12.90 -0.39 2.54
C GLN A 267 12.88 1.06 2.96
N PRO A 268 11.96 1.43 3.84
CA PRO A 268 11.82 2.80 4.33
C PRO A 268 13.09 3.52 4.74
N CYS A 269 13.99 2.85 5.42
CA CYS A 269 15.25 3.45 5.88
C CYS A 269 16.39 3.28 4.91
N SER A 270 16.20 2.57 3.81
CA SER A 270 17.32 2.41 2.88
C SER A 270 17.70 3.78 2.35
N PRO A 271 18.98 3.97 2.09
CA PRO A 271 19.49 5.22 1.51
C PRO A 271 18.68 5.62 0.29
N ARG A 272 18.41 4.65 -0.59
CA ARG A 272 17.63 4.97 -1.81
C ARG A 272 16.24 5.50 -1.51
N ALA A 273 15.52 4.86 -0.60
CA ALA A 273 14.14 5.31 -0.24
C ALA A 273 14.18 6.66 0.47
N LEU A 274 15.20 6.94 1.27
CA LEU A 274 15.32 8.26 1.93
C LEU A 274 15.64 9.34 0.91
N ALA A 275 16.59 9.12 0.03
CA ALA A 275 16.89 10.12 -1.01
C ALA A 275 15.63 10.36 -1.85
N ASN A 276 14.93 9.27 -2.19
CA ASN A 276 13.70 9.38 -2.99
C ASN A 276 12.65 10.23 -2.22
N HIS A 277 12.56 9.97 -0.94
CA HIS A 277 11.59 10.68 -0.08
C HIS A 277 11.72 12.18 -0.25
N LYS A 278 12.92 12.71 -0.07
CA LYS A 278 13.15 14.14 -0.24
C LYS A 278 12.84 14.64 -1.65
N GLU A 279 13.30 13.91 -2.63
CA GLU A 279 13.04 14.33 -4.03
C GLU A 279 11.55 14.41 -4.33
N VAL A 280 10.76 13.44 -3.83
CA VAL A 280 9.31 13.44 -4.07
C VAL A 280 8.69 14.62 -3.35
N VAL A 281 8.80 14.66 -2.04
CA VAL A 281 8.20 15.74 -1.23
C VAL A 281 8.60 17.10 -1.77
N ASP A 282 9.91 17.28 -2.01
CA ASP A 282 10.38 18.59 -2.51
C ASP A 282 9.65 19.04 -3.76
N SER A 283 9.22 18.09 -4.57
CA SER A 283 8.56 18.41 -5.84
C SER A 283 7.23 19.11 -5.64
N PHE A 284 6.63 19.11 -4.48
CA PHE A 284 5.34 19.73 -4.21
C PHE A 284 5.43 21.05 -3.48
N ARG A 285 6.61 21.39 -3.05
CA ARG A 285 6.86 22.62 -2.27
C ARG A 285 6.52 23.90 -2.98
N SER A 286 6.88 24.07 -4.22
CA SER A 286 6.59 25.34 -4.91
C SER A 286 5.38 25.33 -5.82
N ILE A 287 4.58 24.26 -5.86
CA ILE A 287 3.44 24.21 -6.77
C ILE A 287 2.11 24.33 -6.07
N TYR A 288 2.10 24.22 -4.77
CA TYR A 288 0.87 24.37 -4.00
C TYR A 288 1.04 25.61 -3.11
N THR A 289 0.13 26.52 -3.31
CA THR A 289 0.03 27.79 -2.57
C THR A 289 -0.08 27.50 -1.09
N LEU A 290 -0.64 26.36 -0.78
CA LEU A 290 -0.79 25.91 0.61
C LEU A 290 0.58 25.71 1.22
N ASN A 291 1.61 25.54 0.40
CA ASN A 291 2.99 25.29 0.84
C ASN A 291 3.85 26.54 0.90
N ASP A 292 3.27 27.64 0.47
CA ASP A 292 3.92 28.95 0.46
C ASP A 292 4.43 29.26 1.88
N GLY A 293 5.66 29.68 1.96
CA GLY A 293 6.32 30.06 3.19
C GLY A 293 7.05 29.01 3.97
N LEU A 294 6.75 27.74 3.84
CA LEU A 294 7.43 26.67 4.58
C LEU A 294 8.87 26.48 4.18
N SER A 295 9.70 26.07 5.14
CA SER A 295 11.11 25.83 4.78
C SER A 295 11.31 24.35 4.49
N ASP A 296 12.47 24.05 3.96
CA ASP A 296 12.97 22.74 3.57
C ASP A 296 13.05 21.76 4.71
N SER A 297 12.95 22.25 5.94
CA SER A 297 13.00 21.24 7.05
C SER A 297 11.59 21.08 7.59
N GLU A 298 10.62 21.63 6.88
CA GLU A 298 9.21 21.56 7.23
C GLU A 298 8.36 20.70 6.31
N ALA A 299 7.44 19.99 6.94
CA ALA A 299 6.48 19.12 6.27
C ALA A 299 5.56 20.00 5.41
N VAL A 300 5.18 19.42 4.29
CA VAL A 300 4.30 20.06 3.30
C VAL A 300 3.20 19.10 2.84
N ALA A 301 2.23 19.72 2.18
CA ALA A 301 1.08 18.97 1.60
C ALA A 301 1.61 18.32 0.33
N VAL A 302 1.40 17.04 0.24
CA VAL A 302 1.89 16.17 -0.84
C VAL A 302 0.74 15.63 -1.69
N GLY A 303 0.93 15.65 -2.98
CA GLY A 303 0.01 15.15 -4.00
C GLY A 303 0.54 13.83 -4.54
N ARG A 304 0.11 13.49 -5.75
CA ARG A 304 0.53 12.23 -6.39
C ARG A 304 1.85 12.43 -7.13
N TYR A 305 1.85 13.31 -8.08
CA TYR A 305 3.01 13.68 -8.92
C TYR A 305 2.84 15.16 -9.24
N PRO A 306 3.96 15.86 -9.43
CA PRO A 306 3.97 17.29 -9.68
C PRO A 306 3.28 17.70 -10.94
N GLU A 307 3.25 16.80 -11.91
CA GLU A 307 2.58 17.06 -13.18
C GLU A 307 1.08 16.83 -13.13
N ASP A 308 0.51 16.30 -12.10
CA ASP A 308 -0.92 15.99 -11.98
C ASP A 308 -1.86 17.13 -12.30
N SER A 309 -2.91 16.80 -13.03
CA SER A 309 -3.94 17.81 -13.35
C SER A 309 -5.33 17.30 -13.01
N TYR A 310 -5.41 16.16 -12.32
CA TYR A 310 -6.71 15.62 -11.93
C TYR A 310 -7.28 16.57 -10.88
N TYR A 311 -8.41 17.11 -11.22
CA TYR A 311 -9.13 18.10 -10.40
C TYR A 311 -8.25 19.32 -10.17
N ASN A 312 -7.30 19.50 -11.05
CA ASN A 312 -6.34 20.58 -11.05
C ASN A 312 -4.97 20.19 -10.49
N GLY A 313 -4.89 19.06 -9.85
CA GLY A 313 -3.65 18.57 -9.24
C GLY A 313 -3.60 19.20 -7.83
N ASN A 314 -3.98 18.44 -6.84
CA ASN A 314 -4.03 18.84 -5.44
C ASN A 314 -3.34 17.77 -4.58
N PRO A 315 -3.03 18.15 -3.35
CA PRO A 315 -2.47 17.21 -2.40
C PRO A 315 -3.55 16.12 -2.15
N TRP A 316 -3.08 14.98 -1.68
CA TRP A 316 -4.02 13.89 -1.34
C TRP A 316 -3.80 13.50 0.12
N PHE A 317 -4.84 13.25 0.88
CA PHE A 317 -4.67 12.81 2.26
C PHE A 317 -3.74 11.60 2.33
N LEU A 318 -4.01 10.56 1.54
CA LEU A 318 -3.22 9.34 1.57
C LEU A 318 -1.78 9.55 1.14
N CYS A 319 -1.50 10.48 0.28
CA CYS A 319 -0.13 10.76 -0.23
C CYS A 319 0.61 11.50 0.91
N THR A 320 -0.09 12.43 1.54
CA THR A 320 0.48 13.16 2.66
C THR A 320 0.73 12.21 3.83
N LEU A 321 -0.14 11.22 4.05
CA LEU A 321 0.04 10.28 5.15
C LEU A 321 1.19 9.34 4.88
N ALA A 322 1.36 9.00 3.62
CA ALA A 322 2.43 8.09 3.20
C ALA A 322 3.80 8.71 3.46
N ALA A 323 3.91 10.01 3.25
CA ALA A 323 5.21 10.72 3.46
C ALA A 323 5.62 10.61 4.92
N ALA A 324 4.67 10.60 5.83
CA ALA A 324 4.88 10.45 7.25
C ALA A 324 5.13 8.99 7.64
N GLU A 325 4.32 8.09 7.11
CA GLU A 325 4.45 6.65 7.45
C GLU A 325 5.80 6.09 7.09
N GLN A 326 6.40 6.57 5.99
CA GLN A 326 7.72 6.08 5.60
C GLN A 326 8.74 6.41 6.71
N LEU A 327 8.61 7.59 7.29
CA LEU A 327 9.49 8.10 8.37
C LEU A 327 9.30 7.34 9.64
N TYR A 328 8.05 7.10 9.97
CA TYR A 328 7.70 6.31 11.16
C TYR A 328 8.34 4.94 11.03
N ASP A 329 8.28 4.38 9.84
CA ASP A 329 8.86 3.04 9.54
C ASP A 329 10.38 3.05 9.71
N ALA A 330 11.04 4.05 9.19
CA ALA A 330 12.50 4.18 9.28
C ALA A 330 12.89 4.39 10.75
N LEU A 331 12.09 5.16 11.50
CA LEU A 331 12.43 5.32 12.94
C LEU A 331 12.44 3.98 13.65
N TYR A 332 11.42 3.17 13.34
CA TYR A 332 11.27 1.85 13.97
C TYR A 332 12.49 0.99 13.62
N GLN A 333 12.88 1.03 12.34
CA GLN A 333 14.02 0.23 11.86
C GLN A 333 15.32 0.66 12.53
N TRP A 334 15.62 1.94 12.60
CA TRP A 334 16.85 2.43 13.25
C TRP A 334 16.90 2.02 14.71
N ASP A 335 15.79 2.21 15.39
CA ASP A 335 15.68 1.85 16.81
C ASP A 335 15.93 0.36 17.03
N LYS A 336 15.32 -0.47 16.22
CA LYS A 336 15.45 -1.94 16.33
C LYS A 336 16.88 -2.35 16.08
N GLN A 337 17.54 -1.72 15.13
CA GLN A 337 18.91 -1.95 14.75
C GLN A 337 19.91 -1.39 15.81
N GLY A 338 19.56 -0.28 16.40
CA GLY A 338 20.43 0.36 17.37
C GLY A 338 21.44 1.29 16.71
N SER A 339 21.17 1.71 15.49
CA SER A 339 22.02 2.63 14.76
C SER A 339 21.30 3.08 13.48
N LEU A 340 21.86 4.14 12.97
CA LEU A 340 21.43 4.80 11.73
C LEU A 340 22.75 5.09 10.99
N GLU A 341 22.62 5.06 9.69
CA GLU A 341 23.75 5.34 8.83
C GLU A 341 23.41 6.49 7.88
N ILE A 342 24.42 7.33 7.66
CA ILE A 342 24.28 8.42 6.70
C ILE A 342 25.34 8.10 5.62
N THR A 343 24.86 8.04 4.41
CA THR A 343 25.70 7.76 3.24
C THR A 343 25.55 8.95 2.32
N ASP A 344 26.37 8.98 1.31
CA ASP A 344 26.39 10.01 0.28
C ASP A 344 25.03 10.11 -0.42
N VAL A 345 24.41 8.95 -0.59
CA VAL A 345 23.08 8.89 -1.26
C VAL A 345 22.03 9.60 -0.39
N SER A 346 22.02 9.31 0.90
CA SER A 346 21.03 9.92 1.79
C SER A 346 21.42 11.19 2.50
N LEU A 347 22.59 11.76 2.26
CA LEU A 347 23.01 12.99 2.93
C LEU A 347 22.05 14.15 2.78
N ASP A 348 21.60 14.42 1.57
CA ASP A 348 20.69 15.57 1.39
C ASP A 348 19.47 15.42 2.28
N PHE A 349 18.91 14.21 2.32
CA PHE A 349 17.73 13.97 3.18
C PHE A 349 18.04 14.38 4.62
N PHE A 350 19.13 13.88 5.17
CA PHE A 350 19.47 14.18 6.57
C PHE A 350 19.87 15.64 6.79
N LYS A 351 20.67 16.15 5.91
CA LYS A 351 21.19 17.55 5.96
C LYS A 351 20.09 18.58 5.99
N ALA A 352 18.97 18.36 5.31
CA ALA A 352 17.81 19.26 5.31
C ALA A 352 17.18 19.31 6.70
N LEU A 353 17.27 18.25 7.48
CA LEU A 353 16.66 18.21 8.81
C LEU A 353 17.66 18.52 9.94
N TYR A 354 18.89 18.09 9.74
CA TYR A 354 19.97 18.28 10.73
C TYR A 354 21.17 18.77 9.94
N SER A 355 21.31 20.08 9.94
CA SER A 355 22.42 20.70 9.18
C SER A 355 23.79 20.19 9.57
N GLY A 356 24.02 19.62 10.71
CA GLY A 356 25.36 19.10 11.05
C GLY A 356 25.55 17.65 10.60
N ALA A 357 24.72 17.20 9.68
CA ALA A 357 24.75 15.82 9.18
C ALA A 357 26.02 15.55 8.39
N ALA A 358 26.56 14.37 8.65
CA ALA A 358 27.80 13.95 7.95
C ALA A 358 27.73 12.44 7.80
N THR A 359 28.30 11.95 6.70
CA THR A 359 28.26 10.48 6.51
C THR A 359 28.92 9.80 7.69
N GLY A 360 28.54 8.56 7.95
CA GLY A 360 29.08 7.75 9.06
C GLY A 360 27.92 6.97 9.70
N THR A 361 28.30 6.18 10.68
CA THR A 361 27.41 5.34 11.46
C THR A 361 27.20 5.94 12.85
N TYR A 362 25.96 6.11 13.20
CA TYR A 362 25.58 6.70 14.48
C TYR A 362 24.82 5.73 15.35
N SER A 363 25.43 5.35 16.46
CA SER A 363 24.78 4.39 17.39
C SER A 363 23.62 5.09 18.09
N SER A 364 22.70 4.25 18.57
CA SER A 364 21.48 4.84 19.20
C SER A 364 21.77 5.58 20.49
N SER A 365 23.00 5.47 20.96
CA SER A 365 23.32 6.21 22.23
C SER A 365 24.03 7.52 21.90
N SER A 366 24.39 7.74 20.66
CA SER A 366 25.15 8.93 20.25
C SER A 366 24.26 10.16 20.22
N SER A 367 24.94 11.30 20.34
CA SER A 367 24.23 12.60 20.30
C SER A 367 23.69 12.85 18.91
N THR A 368 24.41 12.50 17.88
CA THR A 368 23.92 12.72 16.50
C THR A 368 22.57 12.02 16.30
N TYR A 369 22.56 10.76 16.66
CA TYR A 369 21.37 9.92 16.59
C TYR A 369 20.16 10.61 17.27
N SER A 370 20.27 10.96 18.54
CA SER A 370 19.18 11.62 19.26
C SER A 370 18.65 12.84 18.48
N SER A 371 19.58 13.61 17.98
CA SER A 371 19.33 14.82 17.22
C SER A 371 18.61 14.48 15.90
N ILE A 372 19.02 13.49 15.17
CA ILE A 372 18.41 13.11 13.90
C ILE A 372 17.00 12.57 14.12
N VAL A 373 16.87 11.59 14.97
CA VAL A 373 15.59 10.95 15.27
C VAL A 373 14.58 11.98 15.77
N SER A 374 14.90 12.92 16.64
CA SER A 374 13.90 13.91 17.07
C SER A 374 13.45 14.75 15.87
N ALA A 375 14.41 15.12 15.05
CA ALA A 375 14.13 15.92 13.86
C ALA A 375 13.24 15.15 12.88
N VAL A 376 13.53 13.87 12.71
CA VAL A 376 12.75 13.01 11.80
C VAL A 376 11.32 12.87 12.34
N LYS A 377 11.15 12.60 13.61
CA LYS A 377 9.84 12.48 14.25
C LYS A 377 9.01 13.75 14.12
N THR A 378 9.69 14.90 14.31
CA THR A 378 8.95 16.18 14.22
C THR A 378 8.48 16.43 12.79
N PHE A 379 9.28 16.06 11.83
CA PHE A 379 8.99 16.21 10.40
C PHE A 379 7.81 15.30 10.04
N ALA A 380 7.92 14.06 10.39
CA ALA A 380 6.89 13.05 10.16
C ALA A 380 5.56 13.52 10.74
N ASP A 381 5.56 13.95 11.97
CA ASP A 381 4.35 14.46 12.67
C ASP A 381 3.79 15.67 11.93
N GLY A 382 4.64 16.49 11.34
CA GLY A 382 4.25 17.68 10.59
C GLY A 382 3.35 17.30 9.43
N PHE A 383 3.62 16.19 8.75
CA PHE A 383 2.73 15.79 7.64
C PHE A 383 1.32 15.45 8.20
N VAL A 384 1.29 14.81 9.33
CA VAL A 384 0.03 14.42 9.95
C VAL A 384 -0.77 15.63 10.41
N SER A 385 -0.11 16.70 10.81
CA SER A 385 -0.75 17.95 11.24
C SER A 385 -1.42 18.60 10.05
N ILE A 386 -0.81 18.53 8.90
CA ILE A 386 -1.42 19.09 7.69
C ILE A 386 -2.76 18.36 7.47
N VAL A 387 -2.77 17.05 7.65
CA VAL A 387 -3.97 16.23 7.51
C VAL A 387 -5.05 16.67 8.51
N GLU A 388 -4.67 16.76 9.75
CA GLU A 388 -5.57 17.16 10.85
C GLU A 388 -6.16 18.52 10.54
N THR A 389 -5.35 19.44 10.06
CA THR A 389 -5.77 20.79 9.69
C THR A 389 -6.88 20.78 8.65
N HIS A 390 -6.81 19.88 7.69
CA HIS A 390 -7.75 19.87 6.56
C HIS A 390 -8.85 18.85 6.58
N ALA A 391 -8.85 18.03 7.59
CA ALA A 391 -9.94 17.02 7.76
C ALA A 391 -11.19 17.83 8.12
N ALA A 392 -12.36 17.25 7.88
CA ALA A 392 -13.63 17.90 8.24
C ALA A 392 -13.68 17.82 9.77
N SER A 393 -14.44 18.67 10.38
CA SER A 393 -14.66 18.79 11.81
C SER A 393 -15.11 17.47 12.40
N ASN A 394 -15.87 16.68 11.65
CA ASN A 394 -16.29 15.38 12.25
C ASN A 394 -15.25 14.30 11.94
N GLY A 395 -14.16 14.60 11.26
CA GLY A 395 -13.14 13.62 10.96
C GLY A 395 -13.14 13.04 9.57
N SER A 396 -14.03 13.50 8.71
CA SER A 396 -14.17 13.01 7.35
C SER A 396 -12.97 13.33 6.49
N LEU A 397 -12.53 12.24 5.85
CA LEU A 397 -11.38 12.30 4.94
C LEU A 397 -11.90 11.97 3.52
N SER A 398 -11.57 12.91 2.71
CA SER A 398 -11.82 13.01 1.30
C SER A 398 -10.64 12.41 0.53
N GLU A 399 -10.76 12.42 -0.78
CA GLU A 399 -9.67 11.97 -1.62
C GLU A 399 -8.59 13.07 -1.63
N GLN A 400 -9.01 14.27 -2.00
CA GLN A 400 -8.11 15.43 -2.08
C GLN A 400 -8.48 16.60 -1.18
N PHE A 401 -7.54 17.52 -1.10
CA PHE A 401 -7.71 18.79 -0.35
C PHE A 401 -7.10 19.85 -1.28
N ASP A 402 -7.81 20.94 -1.41
CA ASP A 402 -7.48 22.04 -2.30
C ASP A 402 -6.04 22.53 -2.11
N LYS A 403 -5.36 22.63 -3.23
CA LYS A 403 -3.96 23.06 -3.33
C LYS A 403 -3.74 24.50 -2.86
N SER A 404 -4.80 25.29 -2.83
CA SER A 404 -4.81 26.67 -2.43
C SER A 404 -5.45 26.89 -1.05
N ASP A 405 -6.68 26.40 -0.83
CA ASP A 405 -7.32 26.65 0.47
C ASP A 405 -7.48 25.43 1.34
N GLY A 406 -7.11 24.25 0.87
CA GLY A 406 -7.21 23.06 1.72
C GLY A 406 -8.58 22.49 1.90
N ASP A 407 -9.57 23.07 1.21
CA ASP A 407 -10.93 22.52 1.31
C ASP A 407 -10.90 21.11 0.68
N GLU A 408 -11.69 20.22 1.24
CA GLU A 408 -11.82 18.85 0.76
C GLU A 408 -12.49 18.89 -0.62
N LEU A 409 -12.07 17.99 -1.50
CA LEU A 409 -12.62 17.91 -2.86
C LEU A 409 -12.49 16.47 -3.36
N SER A 410 -13.06 16.21 -4.51
CA SER A 410 -13.13 14.94 -5.20
C SER A 410 -13.98 13.98 -4.36
N ALA A 411 -13.76 12.68 -4.39
CA ALA A 411 -14.59 11.74 -3.64
C ALA A 411 -14.55 11.96 -2.15
N ARG A 412 -15.70 11.98 -1.53
CA ARG A 412 -15.84 12.17 -0.06
C ARG A 412 -15.69 10.80 0.58
N ASP A 413 -15.39 10.84 1.88
CA ASP A 413 -15.25 9.61 2.67
C ASP A 413 -14.57 8.49 1.88
N LEU A 414 -13.36 8.79 1.39
CA LEU A 414 -12.63 7.78 0.60
C LEU A 414 -12.06 6.74 1.56
N THR A 415 -12.54 5.51 1.37
CA THR A 415 -12.11 4.39 2.20
C THR A 415 -10.59 4.29 2.30
N TRP A 416 -9.91 4.49 1.19
CA TRP A 416 -8.44 4.40 1.14
C TRP A 416 -7.86 5.47 2.07
N SER A 417 -8.36 6.68 2.12
CA SER A 417 -7.92 7.74 3.01
C SER A 417 -7.97 7.27 4.48
N TYR A 418 -9.05 6.59 4.84
CA TYR A 418 -9.25 6.07 6.17
C TYR A 418 -8.25 4.96 6.51
N ALA A 419 -7.98 4.04 5.62
CA ALA A 419 -7.00 2.97 5.86
C ALA A 419 -5.58 3.57 6.01
N ALA A 420 -5.23 4.54 5.20
CA ALA A 420 -3.96 5.27 5.26
C ALA A 420 -3.78 5.95 6.61
N LEU A 421 -4.91 6.42 7.15
CA LEU A 421 -4.86 7.08 8.47
C LEU A 421 -4.47 6.03 9.50
N LEU A 422 -5.19 4.90 9.47
CA LEU A 422 -4.92 3.85 10.45
C LEU A 422 -3.48 3.36 10.42
N THR A 423 -2.96 3.11 9.23
CA THR A 423 -1.60 2.57 9.12
C THR A 423 -0.59 3.61 9.60
N ALA A 424 -0.78 4.86 9.21
CA ALA A 424 0.21 5.88 9.68
C ALA A 424 0.14 5.96 11.21
N ASN A 425 -1.04 5.88 11.80
CA ASN A 425 -1.14 5.98 13.28
C ASN A 425 -0.41 4.82 13.94
N ASN A 426 -0.73 3.65 13.40
CA ASN A 426 -0.13 2.40 13.86
C ASN A 426 1.39 2.48 13.88
N ARG A 427 1.98 2.84 12.77
CA ARG A 427 3.43 2.93 12.64
C ARG A 427 4.01 3.95 13.62
N ARG A 428 3.28 5.02 13.80
CA ARG A 428 3.62 6.12 14.69
C ARG A 428 3.74 5.57 16.13
N ASN A 429 2.91 4.61 16.44
CA ASN A 429 2.86 3.96 17.74
C ASN A 429 3.70 2.71 17.77
N SER A 430 4.48 2.46 16.74
CA SER A 430 5.36 1.29 16.69
C SER A 430 4.58 0.00 16.53
N VAL A 431 3.40 0.11 15.93
CA VAL A 431 2.60 -1.12 15.70
C VAL A 431 2.89 -1.44 14.22
N VAL A 432 3.60 -2.53 14.06
CA VAL A 432 4.03 -2.93 12.71
C VAL A 432 3.34 -4.20 12.27
N PRO A 433 3.30 -4.42 10.96
CA PRO A 433 2.66 -5.60 10.40
C PRO A 433 3.59 -6.79 10.47
N PRO A 434 3.00 -7.95 10.31
CA PRO A 434 3.79 -9.19 10.30
C PRO A 434 4.80 -9.11 9.17
N SER A 435 5.87 -9.85 9.38
CA SER A 435 6.97 -9.91 8.37
C SER A 435 6.57 -10.73 7.16
N TRP A 436 7.13 -10.42 5.99
CA TRP A 436 6.78 -11.18 4.78
C TRP A 436 7.94 -12.01 4.23
N GLY A 437 9.04 -12.05 4.91
CA GLY A 437 10.20 -12.84 4.49
C GLY A 437 11.23 -12.09 3.70
N GLU A 438 11.27 -10.78 3.82
CA GLU A 438 12.23 -9.96 3.07
C GLU A 438 13.67 -10.37 3.32
N THR A 439 13.97 -10.84 4.50
CA THR A 439 15.32 -11.22 4.87
C THR A 439 15.85 -12.38 4.08
N SER A 440 15.00 -13.15 3.42
CA SER A 440 15.50 -14.24 2.57
C SER A 440 15.13 -13.90 1.11
N ALA A 441 14.75 -12.66 0.85
CA ALA A 441 14.33 -12.35 -0.54
C ALA A 441 14.75 -10.98 -0.98
N SER A 442 16.00 -10.66 -0.67
CA SER A 442 16.58 -9.37 -1.07
C SER A 442 17.83 -9.59 -1.92
N SER A 443 18.20 -10.83 -2.20
CA SER A 443 19.42 -11.07 -3.05
C SER A 443 19.04 -10.92 -4.51
N VAL A 444 19.75 -10.08 -5.22
CA VAL A 444 19.51 -9.81 -6.65
C VAL A 444 20.33 -10.74 -7.53
N PRO A 445 19.69 -11.43 -8.47
CA PRO A 445 20.42 -12.31 -9.41
C PRO A 445 21.38 -11.45 -10.26
N GLY A 446 22.45 -12.04 -10.73
CA GLY A 446 23.48 -11.34 -11.53
C GLY A 446 23.03 -10.95 -12.93
N THR A 447 22.00 -11.59 -13.43
CA THR A 447 21.43 -11.35 -14.75
C THR A 447 19.90 -11.43 -14.70
N CYS A 448 19.26 -10.35 -15.13
CA CYS A 448 17.81 -10.24 -15.19
C CYS A 448 17.35 -10.79 -16.55
N ALA A 449 16.34 -11.61 -16.51
CA ALA A 449 15.71 -12.18 -17.67
C ALA A 449 14.25 -11.69 -17.76
N ALA A 450 13.88 -11.45 -18.97
CA ALA A 450 12.51 -11.06 -19.36
C ALA A 450 11.82 -12.45 -19.56
N THR A 451 11.06 -12.84 -18.55
CA THR A 451 10.41 -14.12 -18.46
C THR A 451 9.06 -14.10 -17.70
N SER A 452 8.49 -15.28 -17.53
CA SER A 452 7.27 -15.57 -16.82
C SER A 452 7.26 -17.07 -16.48
N ALA A 453 6.29 -17.46 -15.71
CA ALA A 453 5.99 -18.82 -15.30
C ALA A 453 4.43 -18.83 -15.19
N SER A 454 3.90 -19.89 -15.73
CA SER A 454 2.44 -20.10 -15.72
C SER A 454 2.16 -21.01 -14.52
N GLY A 455 1.20 -20.61 -13.71
CA GLY A 455 0.86 -21.44 -12.55
C GLY A 455 -0.33 -22.30 -12.94
N THR A 456 -1.39 -22.13 -12.16
CA THR A 456 -2.61 -22.90 -12.37
C THR A 456 -3.82 -22.12 -11.89
N TYR A 457 -4.93 -22.34 -12.56
CA TYR A 457 -6.16 -21.63 -12.21
C TYR A 457 -7.28 -22.62 -11.94
N SER A 458 -8.06 -22.28 -10.95
CA SER A 458 -9.20 -23.15 -10.58
C SER A 458 -10.20 -22.30 -9.78
N SER A 459 -11.45 -22.43 -10.13
CA SER A 459 -12.54 -21.71 -9.50
C SER A 459 -12.83 -22.20 -8.10
N VAL A 460 -12.88 -21.28 -7.16
CA VAL A 460 -13.15 -21.63 -5.77
C VAL A 460 -14.61 -21.33 -5.41
N THR A 461 -15.17 -22.28 -4.66
CA THR A 461 -16.56 -22.19 -4.16
C THR A 461 -16.51 -22.29 -2.64
N VAL A 462 -17.08 -21.31 -2.00
CA VAL A 462 -17.11 -21.22 -0.54
C VAL A 462 -18.53 -21.63 -0.07
N THR A 463 -18.62 -22.91 0.27
CA THR A 463 -19.81 -23.55 0.76
C THR A 463 -20.16 -23.06 2.17
N SER A 464 -19.19 -23.11 3.07
CA SER A 464 -19.39 -22.70 4.45
C SER A 464 -18.11 -22.32 5.17
N TRP A 465 -18.27 -21.40 6.09
CA TRP A 465 -17.17 -20.97 6.95
C TRP A 465 -17.34 -21.77 8.26
N PRO A 466 -16.23 -22.28 8.73
CA PRO A 466 -16.21 -23.00 10.02
C PRO A 466 -16.55 -21.95 11.08
N SER A 467 -17.13 -22.38 12.18
CA SER A 467 -17.54 -21.49 13.28
C SER A 467 -16.31 -21.05 14.08
N ILE A 468 -15.66 -20.04 13.53
CA ILE A 468 -14.46 -19.42 14.10
C ILE A 468 -14.83 -18.50 15.26
N VAL A 469 -14.05 -18.68 16.31
CA VAL A 469 -14.16 -17.87 17.51
C VAL A 469 -12.78 -17.17 17.68
N ALA A 470 -12.89 -15.91 18.00
CA ALA A 470 -11.75 -15.02 18.25
C ALA A 470 -12.06 -14.29 19.56
#